data_5HUH
#
_entry.id   5HUH
#
_cell.length_a   49.521
_cell.length_b   93.104
_cell.length_c   128.569
_cell.angle_alpha   90.00
_cell.angle_beta   90.00
_cell.angle_gamma   90.00
#
_symmetry.space_group_name_H-M   'P 21 21 21'
#
loop_
_entity.id
_entity.type
_entity.pdbx_description
1 polymer 'NH(3)-dependent NAD(+) synthetase'
2 non-polymer 'SULFATE ION'
3 non-polymer 'MAGNESIUM ION'
4 water water
#
_entity_poly.entity_id   1
_entity_poly.type   'polypeptide(L)'
_entity_poly.pdbx_seq_one_letter_code
;MHHHHHHSSGVDLGTENLYFQSGSGMLMERVNDMTLQEEIIRQLGVKASIDPQEEIRKTVDFLKAYLRKHSFLKTYVLGI
SGGQDSTLAGKLAQMAIAELREETSDQAYQFIAVRLPYGVQADEADAQKALAFIAPDQTLTINIKAAVDGQVEALQAAGV
EISDFNKGNIKARQRMISQYAIAGQMAGAVIGTDHAAENITGFFTKFGDGGADILPLFRLNKRQGKALLKVLGADAALYE
KVPTADLEDQKPGLADEVALGVTYQDIDDYLEGKLISKVAQATIEKWWHKGQHKRHLPITIFADFWK
;
_entity_poly.pdbx_strand_id   A,B
#
loop_
_chem_comp.id
_chem_comp.type
_chem_comp.name
_chem_comp.formula
MG non-polymer 'MAGNESIUM ION' 'Mg 2'
SO4 non-polymer 'SULFATE ION' 'O4 S -2'
#
# COMPACT_ATOMS: atom_id res chain seq x y z
N MET A 34 -18.36 -9.82 -24.72
CA MET A 34 -17.61 -10.30 -23.50
C MET A 34 -18.39 -10.11 -22.17
N THR A 35 -18.69 -11.19 -21.45
CA THR A 35 -19.29 -11.08 -20.12
C THR A 35 -18.34 -10.39 -19.11
N LEU A 36 -18.88 -9.97 -17.96
CA LEU A 36 -18.04 -9.53 -16.89
C LEU A 36 -17.09 -10.64 -16.43
N GLN A 37 -17.60 -11.86 -16.41
CA GLN A 37 -16.87 -13.00 -15.90
C GLN A 37 -15.58 -13.23 -16.70
N GLU A 38 -15.71 -13.29 -18.02
CA GLU A 38 -14.56 -13.40 -18.93
C GLU A 38 -13.55 -12.29 -18.70
N GLU A 39 -14.04 -11.07 -18.56
CA GLU A 39 -13.13 -9.92 -18.34
C GLU A 39 -12.37 -10.04 -16.99
N ILE A 40 -13.10 -10.42 -15.92
CA ILE A 40 -12.47 -10.70 -14.63
C ILE A 40 -11.43 -11.82 -14.77
N ILE A 41 -11.78 -12.87 -15.50
CA ILE A 41 -10.88 -13.99 -15.72
C ILE A 41 -9.59 -13.51 -16.44
N ARG A 42 -9.74 -12.66 -17.46
CA ARG A 42 -8.59 -12.07 -18.14
C ARG A 42 -7.67 -11.23 -17.22
N GLN A 43 -8.28 -10.37 -16.42
CA GLN A 43 -7.52 -9.51 -15.53
C GLN A 43 -6.77 -10.34 -14.49
N LEU A 44 -7.42 -11.35 -13.93
CA LEU A 44 -6.78 -12.12 -12.87
C LEU A 44 -5.91 -13.27 -13.36
N GLY A 45 -5.95 -13.56 -14.67
CA GLY A 45 -5.08 -14.56 -15.28
C GLY A 45 -5.35 -16.01 -14.94
N VAL A 46 -6.58 -16.35 -14.56
CA VAL A 46 -6.92 -17.71 -14.08
C VAL A 46 -7.19 -18.69 -15.20
N LYS A 47 -6.55 -19.84 -15.11
CA LYS A 47 -6.80 -20.94 -16.04
C LYS A 47 -7.89 -21.83 -15.47
N ALA A 48 -8.70 -22.38 -16.36
CA ALA A 48 -9.78 -23.30 -15.98
C ALA A 48 -9.25 -24.52 -15.22
N SER A 49 -8.05 -24.92 -15.53
CA SER A 49 -7.38 -25.97 -14.81
C SER A 49 -5.88 -25.75 -14.94
N ILE A 50 -5.15 -26.37 -14.05
CA ILE A 50 -3.70 -26.26 -14.07
C ILE A 50 -3.03 -27.60 -13.93
N ASP A 51 -1.79 -27.63 -14.40
CA ASP A 51 -0.82 -28.68 -14.11
C ASP A 51 -0.06 -28.17 -12.88
N PRO A 52 -0.26 -28.83 -11.72
CA PRO A 52 0.31 -28.31 -10.47
C PRO A 52 1.83 -28.21 -10.49
N GLN A 53 2.47 -29.28 -10.94
CA GLN A 53 3.93 -29.35 -11.06
C GLN A 53 4.53 -28.28 -11.95
N GLU A 54 3.86 -28.04 -13.07
CA GLU A 54 4.21 -26.93 -13.94
C GLU A 54 4.07 -25.58 -13.25
N GLU A 55 2.97 -25.39 -12.54
CA GLU A 55 2.71 -24.12 -11.88
C GLU A 55 3.71 -23.89 -10.74
N ILE A 56 4.04 -24.96 -10.05
CA ILE A 56 5.10 -24.93 -9.07
C ILE A 56 6.37 -24.37 -9.74
N ARG A 57 6.79 -25.01 -10.83
CA ARG A 57 8.03 -24.64 -11.50
C ARG A 57 7.97 -23.20 -12.00
N LYS A 58 6.83 -22.81 -12.54
CA LYS A 58 6.68 -21.45 -13.04
C LYS A 58 6.92 -20.41 -11.93
N THR A 59 6.38 -20.70 -10.73
CA THR A 59 6.44 -19.78 -9.59
C THR A 59 7.85 -19.66 -9.05
N VAL A 60 8.48 -20.82 -8.87
CA VAL A 60 9.84 -20.87 -8.38
C VAL A 60 10.78 -20.08 -9.31
N ASP A 61 10.68 -20.35 -10.62
CA ASP A 61 11.49 -19.63 -11.63
C ASP A 61 11.21 -18.12 -11.67
N PHE A 62 9.96 -17.76 -11.54
CA PHE A 62 9.59 -16.38 -11.38
C PHE A 62 10.30 -15.79 -10.16
N LEU A 63 10.19 -16.45 -9.01
CA LEU A 63 10.85 -15.93 -7.79
C LEU A 63 12.37 -15.84 -7.88
N LYS A 64 12.98 -16.81 -8.55
CA LYS A 64 14.41 -16.77 -8.79
C LYS A 64 14.79 -15.62 -9.75
N ALA A 65 14.07 -15.49 -10.86
CA ALA A 65 14.36 -14.44 -11.82
C ALA A 65 14.34 -13.08 -11.18
N TYR A 66 13.33 -12.85 -10.36
CA TYR A 66 13.16 -11.56 -9.69
C TYR A 66 14.38 -11.22 -8.85
N LEU A 67 14.89 -12.20 -8.12
CA LEU A 67 16.10 -12.02 -7.32
C LEU A 67 17.37 -11.81 -8.14
N ARG A 68 17.56 -12.62 -9.16
CA ARG A 68 18.69 -12.47 -10.07
C ARG A 68 18.75 -11.03 -10.64
N LYS A 69 17.58 -10.45 -10.94
CA LYS A 69 17.52 -9.15 -11.57
C LYS A 69 17.84 -8.03 -10.55
N HIS A 70 17.49 -8.23 -9.28
CA HIS A 70 17.76 -7.25 -8.24
C HIS A 70 18.91 -7.71 -7.36
N SER A 71 20.11 -7.35 -7.78
CA SER A 71 21.34 -7.94 -7.25
C SER A 71 21.65 -7.54 -5.81
N PHE A 72 21.06 -6.45 -5.33
CA PHE A 72 21.19 -6.10 -3.93
C PHE A 72 20.26 -6.91 -3.00
N LEU A 73 19.24 -7.59 -3.54
CA LEU A 73 18.37 -8.43 -2.73
C LEU A 73 18.93 -9.83 -2.48
N LYS A 74 18.87 -10.24 -1.23
CA LYS A 74 19.27 -11.57 -0.84
C LYS A 74 18.18 -12.41 -0.18
N THR A 75 17.14 -11.77 0.35
CA THR A 75 16.17 -12.51 1.11
C THR A 75 14.74 -12.29 0.59
N TYR A 76 13.91 -13.31 0.77
CA TYR A 76 12.49 -13.16 0.77
C TYR A 76 11.97 -13.26 2.21
N VAL A 77 10.97 -12.44 2.51
CA VAL A 77 10.40 -12.33 3.85
C VAL A 77 8.88 -12.57 3.76
N LEU A 78 8.35 -13.41 4.63
CA LEU A 78 6.94 -13.76 4.60
C LEU A 78 6.38 -14.10 5.97
N GLY A 79 5.31 -13.42 6.32
CA GLY A 79 4.48 -13.81 7.44
C GLY A 79 3.85 -15.19 7.28
N ILE A 80 3.99 -16.02 8.31
CA ILE A 80 3.46 -17.37 8.31
C ILE A 80 2.38 -17.55 9.34
N SER A 81 1.15 -17.72 8.85
CA SER A 81 -0.07 -17.69 9.65
C SER A 81 -0.62 -19.09 9.99
N GLY A 82 -0.13 -20.11 9.29
CA GLY A 82 -0.72 -21.45 9.33
C GLY A 82 -1.83 -21.71 8.32
N GLY A 83 -2.22 -20.67 7.60
CA GLY A 83 -3.21 -20.75 6.55
C GLY A 83 -2.56 -21.18 5.24
N GLN A 84 -3.41 -21.60 4.31
CA GLN A 84 -3.03 -22.27 3.08
C GLN A 84 -2.18 -21.35 2.25
N ASP A 85 -2.58 -20.10 2.19
CA ASP A 85 -1.96 -19.13 1.26
C ASP A 85 -0.47 -18.89 1.63
N SER A 86 -0.23 -18.51 2.88
CA SER A 86 1.12 -18.25 3.40
C SER A 86 1.96 -19.52 3.44
N THR A 87 1.32 -20.65 3.70
CA THR A 87 2.03 -21.92 3.69
C THR A 87 2.60 -22.20 2.29
N LEU A 88 1.75 -22.14 1.29
CA LEU A 88 2.16 -22.38 -0.10
C LEU A 88 3.18 -21.38 -0.65
N ALA A 89 2.82 -20.11 -0.58
CA ALA A 89 3.77 -19.02 -0.92
C ALA A 89 5.11 -19.21 -0.22
N GLY A 90 5.07 -19.53 1.07
CA GLY A 90 6.31 -19.67 1.87
C GLY A 90 7.18 -20.77 1.36
N LYS A 91 6.53 -21.89 1.07
CA LYS A 91 7.20 -23.07 0.52
C LYS A 91 7.80 -22.79 -0.85
N LEU A 92 7.03 -22.12 -1.70
CA LEU A 92 7.52 -21.79 -3.02
C LEU A 92 8.73 -20.85 -2.91
N ALA A 93 8.66 -19.91 -2.00
CA ALA A 93 9.80 -19.00 -1.80
C ALA A 93 11.06 -19.69 -1.27
N GLN A 94 10.87 -20.57 -0.29
CA GLN A 94 11.99 -21.32 0.26
C GLN A 94 12.68 -22.17 -0.81
N MET A 95 11.88 -22.77 -1.70
CA MET A 95 12.43 -23.57 -2.81
C MET A 95 13.20 -22.68 -3.81
N ALA A 96 12.70 -21.46 -4.08
CA ALA A 96 13.41 -20.52 -4.92
C ALA A 96 14.78 -20.18 -4.32
N ILE A 97 14.80 -19.81 -3.05
CA ILE A 97 16.04 -19.49 -2.35
C ILE A 97 17.03 -20.66 -2.36
N ALA A 98 16.54 -21.84 -2.01
CA ALA A 98 17.43 -23.01 -1.88
C ALA A 98 18.09 -23.31 -3.21
N GLU A 99 17.30 -23.33 -4.27
CA GLU A 99 17.81 -23.52 -5.61
C GLU A 99 18.81 -22.45 -6.01
N LEU A 100 18.42 -21.21 -5.81
CA LEU A 100 19.27 -20.09 -6.19
C LEU A 100 20.62 -20.13 -5.46
N ARG A 101 20.57 -20.53 -4.20
CA ARG A 101 21.74 -20.71 -3.35
C ARG A 101 22.64 -21.87 -3.86
N GLU A 102 22.03 -22.97 -4.25
CA GLU A 102 22.76 -24.05 -4.94
C GLU A 102 23.36 -23.57 -6.24
N GLU A 103 22.59 -22.80 -7.01
CA GLU A 103 23.07 -22.34 -8.32
C GLU A 103 24.24 -21.38 -8.24
N THR A 104 24.20 -20.46 -7.28
CA THR A 104 25.17 -19.37 -7.20
C THR A 104 26.30 -19.67 -6.22
N SER A 105 26.13 -20.68 -5.37
CA SER A 105 26.98 -20.89 -4.21
C SER A 105 27.04 -19.64 -3.30
N ASP A 106 26.01 -18.78 -3.35
CA ASP A 106 25.94 -17.58 -2.51
C ASP A 106 25.05 -17.87 -1.28
N GLN A 107 25.69 -17.99 -0.12
CA GLN A 107 25.03 -18.35 1.12
C GLN A 107 24.16 -17.25 1.71
N ALA A 108 24.35 -16.00 1.25
CA ALA A 108 23.56 -14.88 1.76
C ALA A 108 22.06 -14.98 1.39
N TYR A 109 21.75 -15.70 0.31
CA TYR A 109 20.35 -16.06 -0.02
C TYR A 109 19.67 -16.89 1.07
N GLN A 110 18.60 -16.32 1.63
CA GLN A 110 17.84 -16.91 2.75
C GLN A 110 16.32 -16.59 2.63
N PHE A 111 15.50 -17.55 3.06
CA PHE A 111 14.08 -17.32 3.29
C PHE A 111 13.87 -17.05 4.77
N ILE A 112 13.19 -15.95 5.08
CA ILE A 112 12.91 -15.54 6.45
C ILE A 112 11.41 -15.69 6.72
N ALA A 113 11.02 -16.77 7.40
CA ALA A 113 9.65 -16.90 7.89
C ALA A 113 9.43 -15.96 9.06
N VAL A 114 8.27 -15.34 9.15
CA VAL A 114 7.95 -14.51 10.29
C VAL A 114 6.65 -14.95 10.97
N ARG A 115 6.69 -15.11 12.29
CA ARG A 115 5.49 -15.31 13.09
C ARG A 115 5.08 -13.98 13.66
N LEU A 116 3.82 -13.64 13.48
CA LEU A 116 3.30 -12.33 13.82
C LEU A 116 2.05 -12.37 14.72
N PRO A 117 2.15 -13.07 15.85
CA PRO A 117 1.03 -13.10 16.78
C PRO A 117 0.75 -11.75 17.45
N TYR A 118 -0.52 -11.53 17.74
CA TYR A 118 -0.98 -10.44 18.58
C TYR A 118 -1.14 -11.08 19.96
N GLY A 119 -0.18 -10.84 20.84
CA GLY A 119 -0.17 -11.47 22.17
C GLY A 119 0.18 -12.96 22.11
N VAL A 120 -0.40 -13.75 23.03
CA VAL A 120 -0.18 -15.22 23.07
C VAL A 120 -1.23 -15.89 22.17
N GLN A 121 -0.81 -16.31 20.97
CA GLN A 121 -1.72 -16.68 19.87
C GLN A 121 -2.56 -17.90 20.20
N ALA A 122 -3.83 -17.87 19.77
CA ALA A 122 -4.87 -18.88 20.14
C ALA A 122 -4.40 -20.33 19.99
N ASP A 123 -4.13 -20.76 18.75
CA ASP A 123 -3.41 -22.00 18.53
C ASP A 123 -2.27 -21.73 17.55
N GLU A 124 -1.04 -21.87 18.03
CA GLU A 124 0.14 -21.81 17.19
C GLU A 124 0.35 -23.15 16.43
N ALA A 125 -0.64 -24.04 16.45
CA ALA A 125 -0.49 -25.40 15.93
C ALA A 125 -0.45 -25.48 14.41
N ASP A 126 -1.38 -24.78 13.75
CA ASP A 126 -1.37 -24.70 12.29
C ASP A 126 -0.08 -24.04 11.81
N ALA A 127 0.35 -23.04 12.55
CA ALA A 127 1.62 -22.38 12.29
C ALA A 127 2.81 -23.34 12.39
N GLN A 128 2.84 -24.13 13.47
CA GLN A 128 3.89 -25.14 13.69
C GLN A 128 3.99 -26.11 12.51
N LYS A 129 2.86 -26.63 12.09
CA LYS A 129 2.80 -27.53 10.94
C LYS A 129 3.28 -26.88 9.66
N ALA A 130 2.86 -25.65 9.44
CA ALA A 130 3.30 -24.85 8.28
C ALA A 130 4.84 -24.67 8.24
N LEU A 131 5.41 -24.24 9.37
CA LEU A 131 6.86 -24.12 9.52
C LEU A 131 7.61 -25.43 9.35
N ALA A 132 7.05 -26.52 9.86
CA ALA A 132 7.66 -27.84 9.70
C ALA A 132 7.71 -28.23 8.22
N PHE A 133 6.60 -28.01 7.53
CA PHE A 133 6.52 -28.28 6.09
C PHE A 133 7.47 -27.42 5.24
N ILE A 134 7.53 -26.14 5.55
CA ILE A 134 8.41 -25.23 4.84
C ILE A 134 9.90 -25.46 5.11
N ALA A 135 10.23 -25.80 6.35
CA ALA A 135 11.60 -25.90 6.80
C ALA A 135 12.37 -24.62 6.41
N PRO A 136 11.93 -23.45 6.95
CA PRO A 136 12.53 -22.17 6.57
C PRO A 136 13.98 -21.96 7.08
N ASP A 137 14.79 -21.26 6.31
CA ASP A 137 16.16 -20.98 6.71
C ASP A 137 16.22 -20.28 8.09
N GLN A 138 15.32 -19.33 8.29
CA GLN A 138 15.28 -18.53 9.46
C GLN A 138 13.83 -18.28 9.79
N THR A 139 13.54 -18.20 11.09
CA THR A 139 12.21 -17.89 11.59
C THR A 139 12.34 -16.83 12.65
N LEU A 140 11.57 -15.77 12.53
CA LEU A 140 11.58 -14.66 13.48
C LEU A 140 10.19 -14.55 14.03
N THR A 141 10.10 -14.26 15.33
CA THR A 141 8.81 -14.01 15.97
C THR A 141 8.78 -12.57 16.39
N ILE A 142 7.89 -11.82 15.79
CA ILE A 142 7.67 -10.43 16.09
C ILE A 142 6.25 -10.30 16.61
N ASN A 143 6.14 -10.07 17.91
CA ASN A 143 4.85 -9.82 18.52
C ASN A 143 4.38 -8.39 18.29
N ILE A 144 3.26 -8.27 17.61
CA ILE A 144 2.75 -6.97 17.19
C ILE A 144 1.91 -6.26 18.24
N LYS A 145 1.74 -6.87 19.41
CA LYS A 145 0.74 -6.38 20.37
C LYS A 145 1.07 -5.02 20.97
N ALA A 146 2.32 -4.79 21.33
CA ALA A 146 2.69 -3.49 21.88
C ALA A 146 2.43 -2.37 20.85
N ALA A 147 2.70 -2.65 19.58
CA ALA A 147 2.52 -1.67 18.50
C ALA A 147 1.05 -1.38 18.22
N VAL A 148 0.26 -2.44 18.10
CA VAL A 148 -1.15 -2.34 17.83
C VAL A 148 -1.84 -1.63 18.99
N ASP A 149 -1.48 -2.05 20.22
CA ASP A 149 -2.07 -1.47 21.45
C ASP A 149 -1.77 0.01 21.58
N GLY A 150 -0.52 0.37 21.28
CA GLY A 150 -0.11 1.76 21.30
C GLY A 150 -0.85 2.58 20.25
N GLN A 151 -1.08 1.98 19.10
CA GLN A 151 -1.83 2.63 18.05
C GLN A 151 -3.29 2.88 18.47
N VAL A 152 -3.95 1.82 18.98
CA VAL A 152 -5.36 1.95 19.41
C VAL A 152 -5.52 2.90 20.59
N GLU A 153 -4.59 2.86 21.54
CA GLU A 153 -4.58 3.80 22.66
C GLU A 153 -4.55 5.25 22.18
N ALA A 154 -3.69 5.53 21.22
CA ALA A 154 -3.51 6.89 20.73
C ALA A 154 -4.78 7.35 20.00
N LEU A 155 -5.38 6.44 19.24
CA LEU A 155 -6.69 6.68 18.62
C LEU A 155 -7.82 6.93 19.61
N GLN A 156 -7.99 5.98 20.54
CA GLN A 156 -8.98 6.07 21.63
C GLN A 156 -8.83 7.33 22.48
N ALA A 157 -7.60 7.65 22.88
CA ALA A 157 -7.32 8.90 23.61
C ALA A 157 -7.78 10.16 22.86
N ALA A 158 -7.72 10.16 21.52
CA ALA A 158 -8.25 11.25 20.69
C ALA A 158 -9.77 11.16 20.44
N GLY A 159 -10.44 10.24 21.11
CA GLY A 159 -11.88 10.05 20.99
C GLY A 159 -12.36 9.27 19.80
N VAL A 160 -11.49 8.45 19.20
CA VAL A 160 -11.87 7.66 18.03
C VAL A 160 -12.11 6.25 18.53
N GLU A 161 -13.37 5.82 18.50
CA GLU A 161 -13.69 4.45 18.90
C GLU A 161 -13.33 3.56 17.75
N ILE A 162 -12.91 2.35 18.10
CA ILE A 162 -12.34 1.43 17.16
C ILE A 162 -13.03 0.11 17.30
N SER A 163 -13.70 -0.28 16.23
CA SER A 163 -14.45 -1.49 16.19
C SER A 163 -13.45 -2.63 16.02
N ASP A 164 -13.96 -3.84 16.19
CA ASP A 164 -13.18 -5.06 16.00
C ASP A 164 -12.64 -5.19 14.57
N PHE A 165 -13.49 -4.92 13.60
CA PHE A 165 -13.11 -4.92 12.20
C PHE A 165 -11.91 -3.98 12.00
N ASN A 166 -12.05 -2.74 12.46
CA ASN A 166 -11.02 -1.71 12.33
C ASN A 166 -9.68 -2.13 12.95
N LYS A 167 -9.73 -2.57 14.19
CA LYS A 167 -8.60 -3.19 14.88
C LYS A 167 -7.96 -4.30 14.09
N GLY A 168 -8.80 -5.16 13.51
CA GLY A 168 -8.35 -6.20 12.59
C GLY A 168 -7.49 -5.71 11.44
N ASN A 169 -7.92 -4.60 10.83
CA ASN A 169 -7.13 -3.95 9.78
C ASN A 169 -5.86 -3.30 10.27
N ILE A 170 -5.90 -2.77 11.48
CA ILE A 170 -4.72 -2.25 12.11
C ILE A 170 -3.73 -3.40 12.27
N LYS A 171 -4.16 -4.55 12.78
CA LYS A 171 -3.26 -5.71 12.91
C LYS A 171 -2.64 -6.12 11.56
N ALA A 172 -3.46 -6.22 10.51
CA ALA A 172 -2.95 -6.63 9.19
C ALA A 172 -1.94 -5.63 8.63
N ARG A 173 -2.21 -4.34 8.82
CA ARG A 173 -1.23 -3.30 8.49
C ARG A 173 0.02 -3.35 9.35
N GLN A 174 -0.10 -3.70 10.63
CA GLN A 174 1.09 -3.72 11.51
C GLN A 174 2.03 -4.87 11.14
N ARG A 175 1.41 -5.96 10.70
CA ARG A 175 2.16 -7.05 10.10
C ARG A 175 2.90 -6.62 8.86
N MET A 176 2.29 -5.75 8.06
CA MET A 176 2.98 -5.22 6.87
C MET A 176 4.20 -4.49 7.32
N ILE A 177 4.02 -3.57 8.25
CA ILE A 177 5.16 -2.83 8.81
C ILE A 177 6.27 -3.78 9.28
N SER A 178 5.91 -4.78 10.07
CA SER A 178 6.90 -5.67 10.69
C SER A 178 7.72 -6.36 9.63
N GLN A 179 7.03 -6.82 8.59
CA GLN A 179 7.69 -7.50 7.48
C GLN A 179 8.61 -6.59 6.62
N TYR A 180 8.15 -5.37 6.37
CA TYR A 180 8.97 -4.37 5.64
C TYR A 180 10.20 -3.90 6.41
N ALA A 181 10.06 -3.80 7.73
CA ALA A 181 11.17 -3.53 8.60
C ALA A 181 12.24 -4.63 8.55
N ILE A 182 11.79 -5.88 8.53
CA ILE A 182 12.71 -7.02 8.44
C ILE A 182 13.41 -7.01 7.09
N ALA A 183 12.61 -6.83 6.05
CA ALA A 183 13.15 -6.71 4.70
C ALA A 183 14.14 -5.55 4.52
N GLY A 184 13.92 -4.41 5.20
CA GLY A 184 14.84 -3.25 5.06
C GLY A 184 16.18 -3.50 5.74
N GLN A 185 16.17 -4.31 6.78
CA GLN A 185 17.34 -4.72 7.48
C GLN A 185 18.07 -5.91 6.85
N MET A 186 17.33 -6.82 6.24
CA MET A 186 17.94 -8.05 5.71
C MET A 186 17.96 -8.14 4.18
N ALA A 187 17.97 -6.98 3.53
CA ALA A 187 18.04 -6.87 2.07
C ALA A 187 17.00 -7.76 1.41
N GLY A 188 15.74 -7.56 1.83
CA GLY A 188 14.66 -8.45 1.42
C GLY A 188 13.59 -7.86 0.55
N ALA A 189 12.86 -8.74 -0.13
CA ALA A 189 11.58 -8.38 -0.76
C ALA A 189 10.48 -9.05 0.03
N VAL A 190 9.37 -8.36 0.24
CA VAL A 190 8.21 -8.91 0.95
C VAL A 190 7.27 -9.69 0.00
N ILE A 191 7.08 -10.96 0.30
CA ILE A 191 6.11 -11.78 -0.42
C ILE A 191 4.70 -11.53 0.06
N GLY A 192 3.80 -11.35 -0.90
CA GLY A 192 2.34 -11.23 -0.66
C GLY A 192 1.66 -12.52 -1.03
N THR A 193 0.58 -12.82 -0.33
CA THR A 193 -0.13 -14.07 -0.51
C THR A 193 -1.40 -13.90 -1.36
N ASP A 194 -1.62 -12.70 -1.88
CA ASP A 194 -2.78 -12.48 -2.70
C ASP A 194 -2.85 -13.48 -3.90
N HIS A 195 -4.06 -13.96 -4.12
CA HIS A 195 -4.37 -14.87 -5.17
C HIS A 195 -5.78 -14.56 -5.66
N ALA A 196 -6.18 -15.22 -6.75
CA ALA A 196 -7.38 -14.79 -7.50
C ALA A 196 -8.68 -14.85 -6.72
N ALA A 197 -8.86 -15.88 -5.90
CA ALA A 197 -10.06 -16.00 -5.05
C ALA A 197 -10.21 -14.89 -4.01
N GLU A 198 -9.10 -14.35 -3.53
CA GLU A 198 -9.16 -13.16 -2.66
C GLU A 198 -9.30 -11.91 -3.46
N ASN A 199 -8.56 -11.85 -4.55
CA ASN A 199 -8.52 -10.64 -5.33
C ASN A 199 -9.86 -10.25 -5.88
N ILE A 200 -10.56 -11.21 -6.49
CA ILE A 200 -11.91 -10.99 -7.05
C ILE A 200 -12.91 -10.46 -6.01
N THR A 201 -12.77 -10.93 -4.77
CA THR A 201 -13.64 -10.50 -3.68
C THR A 201 -13.14 -9.29 -2.90
N GLY A 202 -11.95 -8.81 -3.24
CA GLY A 202 -11.28 -7.80 -2.43
C GLY A 202 -11.07 -8.23 -0.98
N PHE A 203 -10.84 -9.51 -0.76
CA PHE A 203 -10.82 -10.05 0.61
C PHE A 203 -9.40 -9.95 1.19
N PHE A 204 -8.97 -8.72 1.39
CA PHE A 204 -7.71 -8.44 2.03
C PHE A 204 -7.74 -7.02 2.52
N THR A 205 -6.84 -6.71 3.44
CA THR A 205 -6.72 -5.35 3.91
C THR A 205 -5.80 -4.60 2.96
N LYS A 206 -6.27 -3.46 2.52
CA LYS A 206 -5.50 -2.55 1.64
C LYS A 206 -4.34 -1.96 2.40
N PHE A 207 -3.16 -2.09 1.82
CA PHE A 207 -1.90 -1.71 2.46
C PHE A 207 -1.60 -2.53 3.72
N GLY A 208 -2.30 -3.64 3.89
CA GLY A 208 -2.00 -4.61 4.94
C GLY A 208 -1.39 -5.87 4.36
N ASP A 209 -2.10 -7.00 4.41
CA ASP A 209 -1.65 -8.21 3.70
C ASP A 209 -1.61 -7.95 2.19
N GLY A 210 -2.46 -7.03 1.71
CA GLY A 210 -2.33 -6.50 0.36
C GLY A 210 -1.01 -5.79 0.05
N GLY A 211 -0.31 -5.33 1.08
CA GLY A 211 0.93 -4.60 0.96
C GLY A 211 2.15 -5.51 0.89
N ALA A 212 2.72 -5.63 -0.31
CA ALA A 212 3.79 -6.60 -0.60
C ALA A 212 4.50 -6.21 -1.89
N ASP A 213 5.67 -6.80 -2.11
CA ASP A 213 6.46 -6.55 -3.32
C ASP A 213 6.13 -7.47 -4.48
N ILE A 214 5.84 -8.73 -4.18
CA ILE A 214 5.75 -9.73 -5.18
C ILE A 214 4.72 -10.79 -4.76
N LEU A 215 3.90 -11.18 -5.75
CA LEU A 215 2.72 -12.02 -5.55
C LEU A 215 2.86 -13.37 -6.26
N PRO A 216 3.58 -14.33 -5.65
CA PRO A 216 3.79 -15.65 -6.32
C PRO A 216 2.52 -16.43 -6.73
N LEU A 217 1.43 -16.25 -5.96
CA LEU A 217 0.20 -17.03 -6.13
C LEU A 217 -0.82 -16.36 -7.03
N PHE A 218 -0.58 -15.11 -7.43
CA PHE A 218 -1.51 -14.41 -8.31
C PHE A 218 -1.68 -15.22 -9.59
N ARG A 219 -2.95 -15.49 -9.91
CA ARG A 219 -3.46 -16.26 -11.05
C ARG A 219 -4.19 -17.55 -10.60
N LEU A 220 -3.83 -18.04 -9.41
CA LEU A 220 -4.40 -19.27 -8.84
C LEU A 220 -5.68 -18.98 -8.07
N ASN A 221 -6.67 -19.83 -8.25
CA ASN A 221 -7.84 -19.80 -7.39
C ASN A 221 -7.55 -20.65 -6.14
N LYS A 222 -8.53 -20.73 -5.24
CA LYS A 222 -8.34 -21.44 -3.96
C LYS A 222 -8.01 -22.95 -4.06
N ARG A 223 -8.84 -23.66 -4.81
CA ARG A 223 -8.63 -25.11 -5.04
C ARG A 223 -7.33 -25.39 -5.81
N GLN A 224 -6.92 -24.47 -6.68
CA GLN A 224 -5.61 -24.58 -7.35
C GLN A 224 -4.43 -24.47 -6.40
N GLY A 225 -4.55 -23.58 -5.42
CA GLY A 225 -3.63 -23.57 -4.30
C GLY A 225 -3.57 -24.92 -3.59
N LYS A 226 -4.73 -25.48 -3.27
CA LYS A 226 -4.78 -26.82 -2.64
C LYS A 226 -3.97 -27.86 -3.42
N ALA A 227 -4.12 -27.83 -4.73
CA ALA A 227 -3.49 -28.82 -5.62
C ALA A 227 -1.96 -28.77 -5.59
N LEU A 228 -1.44 -27.55 -5.63
CA LEU A 228 -0.02 -27.35 -5.52
C LEU A 228 0.46 -27.93 -4.20
N LEU A 229 -0.24 -27.64 -3.11
CA LEU A 229 0.15 -28.18 -1.78
C LEU A 229 0.04 -29.71 -1.68
N LYS A 230 -0.97 -30.30 -2.33
CA LYS A 230 -1.05 -31.75 -2.49
C LYS A 230 0.23 -32.26 -3.13
N VAL A 231 0.61 -31.65 -4.25
CA VAL A 231 1.78 -32.14 -5.01
C VAL A 231 3.09 -31.99 -4.21
N LEU A 232 3.18 -30.96 -3.36
CA LEU A 232 4.34 -30.74 -2.52
C LEU A 232 4.39 -31.63 -1.27
N GLY A 233 3.37 -32.47 -1.07
CA GLY A 233 3.30 -33.38 0.05
C GLY A 233 2.87 -32.74 1.36
N ALA A 234 2.11 -31.65 1.31
CA ALA A 234 1.74 -30.95 2.55
C ALA A 234 0.79 -31.79 3.34
N ASP A 235 0.99 -31.82 4.65
CA ASP A 235 0.02 -32.41 5.61
C ASP A 235 -1.40 -31.94 5.22
N ALA A 236 -2.32 -32.88 5.06
CA ALA A 236 -3.69 -32.55 4.62
C ALA A 236 -4.41 -31.48 5.52
N ALA A 237 -3.99 -31.38 6.77
CA ALA A 237 -4.48 -30.35 7.72
C ALA A 237 -4.15 -28.90 7.36
N LEU A 238 -3.10 -28.69 6.55
CA LEU A 238 -2.69 -27.34 6.11
C LEU A 238 -3.62 -26.70 5.06
N TYR A 239 -4.51 -27.51 4.48
CA TYR A 239 -5.47 -27.04 3.48
C TYR A 239 -6.94 -27.59 3.53
N GLU A 240 -7.24 -28.49 4.47
CA GLU A 240 -8.59 -29.02 4.72
C GLU A 240 -8.97 -28.96 6.19
N LEU A 254 -15.98 -22.40 6.84
CA LEU A 254 -15.12 -21.20 6.96
C LEU A 254 -15.97 -19.92 7.32
N ALA A 255 -15.43 -19.11 8.25
CA ALA A 255 -15.92 -17.77 8.62
C ALA A 255 -15.78 -16.87 7.39
N ASP A 256 -14.72 -17.08 6.61
CA ASP A 256 -14.49 -16.39 5.31
C ASP A 256 -15.70 -16.39 4.37
N GLU A 257 -16.22 -17.59 4.13
CA GLU A 257 -17.37 -17.80 3.25
C GLU A 257 -18.64 -17.19 3.81
N VAL A 258 -18.79 -17.20 5.12
CA VAL A 258 -19.93 -16.57 5.76
C VAL A 258 -19.79 -15.06 5.67
N ALA A 259 -18.58 -14.56 5.93
CA ALA A 259 -18.27 -13.16 5.78
C ALA A 259 -18.59 -12.68 4.34
N LEU A 260 -18.19 -13.47 3.35
CA LEU A 260 -18.41 -13.10 1.94
C LEU A 260 -19.84 -13.27 1.42
N GLY A 261 -20.60 -14.14 2.07
CA GLY A 261 -21.94 -14.51 1.56
C GLY A 261 -21.89 -15.45 0.38
N VAL A 262 -20.76 -16.13 0.20
CA VAL A 262 -20.50 -16.95 -0.98
C VAL A 262 -19.38 -17.94 -0.71
N THR A 263 -19.50 -19.16 -1.24
CA THR A 263 -18.51 -20.20 -1.02
C THR A 263 -17.31 -20.10 -1.95
N TYR A 264 -16.20 -20.66 -1.49
CA TYR A 264 -14.99 -20.81 -2.34
C TYR A 264 -15.26 -21.70 -3.54
N GLN A 265 -16.10 -22.70 -3.36
CA GLN A 265 -16.58 -23.55 -4.48
C GLN A 265 -17.15 -22.67 -5.63
N ASP A 266 -18.03 -21.77 -5.27
CA ASP A 266 -18.59 -20.85 -6.21
C ASP A 266 -17.59 -19.86 -6.78
N ILE A 267 -16.78 -19.26 -5.92
CA ILE A 267 -15.76 -18.32 -6.37
C ILE A 267 -14.82 -18.99 -7.37
N ASP A 268 -14.33 -20.17 -7.01
CA ASP A 268 -13.44 -20.94 -7.85
C ASP A 268 -14.07 -21.27 -9.16
N ASP A 269 -15.27 -21.77 -9.11
CA ASP A 269 -15.96 -22.14 -10.33
C ASP A 269 -16.15 -20.95 -11.26
N TYR A 270 -16.51 -19.81 -10.70
CA TYR A 270 -16.64 -18.59 -11.50
C TYR A 270 -15.31 -18.20 -12.16
N LEU A 271 -14.22 -18.33 -11.40
CA LEU A 271 -12.89 -18.05 -11.92
C LEU A 271 -12.44 -19.04 -12.98
N GLU A 272 -12.99 -20.25 -12.99
CA GLU A 272 -12.76 -21.24 -14.04
C GLU A 272 -13.68 -21.12 -15.25
N GLY A 273 -14.43 -20.03 -15.33
CA GLY A 273 -15.39 -19.83 -16.40
C GLY A 273 -16.63 -20.69 -16.35
N LYS A 274 -16.97 -21.26 -15.19
CA LYS A 274 -18.17 -22.11 -15.10
C LYS A 274 -19.40 -21.29 -14.70
N LEU A 275 -20.55 -21.84 -14.95
CA LEU A 275 -21.81 -21.23 -14.56
C LEU A 275 -22.11 -21.52 -13.10
N ILE A 276 -22.46 -20.51 -12.32
CA ILE A 276 -22.89 -20.71 -10.93
C ILE A 276 -24.31 -20.13 -10.73
N SER A 277 -24.86 -20.20 -9.52
CA SER A 277 -26.17 -19.62 -9.24
C SER A 277 -26.16 -18.10 -9.45
N LYS A 278 -27.33 -17.55 -9.71
CA LYS A 278 -27.47 -16.09 -9.84
C LYS A 278 -27.11 -15.31 -8.60
N VAL A 279 -27.51 -15.85 -7.44
CA VAL A 279 -27.23 -15.16 -6.18
C VAL A 279 -25.72 -15.11 -5.89
N ALA A 280 -25.03 -16.21 -6.14
CA ALA A 280 -23.58 -16.27 -6.01
C ALA A 280 -22.90 -15.39 -7.06
N GLN A 281 -23.44 -15.34 -8.27
CA GLN A 281 -22.88 -14.47 -9.27
C GLN A 281 -23.02 -13.02 -8.85
N ALA A 282 -24.22 -12.63 -8.46
CA ALA A 282 -24.43 -11.23 -8.05
C ALA A 282 -23.55 -10.89 -6.83
N THR A 283 -23.39 -11.83 -5.91
CA THR A 283 -22.54 -11.57 -4.74
C THR A 283 -21.07 -11.30 -5.16
N ILE A 284 -20.55 -12.17 -6.01
CA ILE A 284 -19.18 -12.06 -6.51
C ILE A 284 -18.96 -10.74 -7.27
N GLU A 285 -19.90 -10.43 -8.13
CA GLU A 285 -19.86 -9.20 -8.88
C GLU A 285 -20.00 -7.96 -7.99
N LYS A 286 -20.78 -8.04 -6.91
CA LYS A 286 -20.76 -6.96 -5.91
C LYS A 286 -19.37 -6.72 -5.36
N TRP A 287 -18.75 -7.78 -4.85
CA TRP A 287 -17.40 -7.67 -4.29
C TRP A 287 -16.39 -7.20 -5.33
N TRP A 288 -16.56 -7.61 -6.58
CA TRP A 288 -15.66 -7.19 -7.63
C TRP A 288 -15.70 -5.65 -7.72
N HIS A 289 -16.88 -5.09 -7.99
CA HIS A 289 -17.03 -3.64 -8.13
C HIS A 289 -16.59 -2.91 -6.88
N LYS A 290 -16.98 -3.42 -5.73
CA LYS A 290 -16.59 -2.79 -4.45
C LYS A 290 -15.06 -2.73 -4.21
N GLY A 291 -14.33 -3.74 -4.68
CA GLY A 291 -12.91 -3.91 -4.38
C GLY A 291 -11.95 -3.36 -5.43
N GLN A 292 -12.49 -2.59 -6.35
CA GLN A 292 -11.77 -2.09 -7.50
C GLN A 292 -10.65 -1.13 -7.04
N HIS A 293 -10.93 -0.34 -6.02
CA HIS A 293 -9.97 0.55 -5.39
C HIS A 293 -8.83 -0.18 -4.70
N LYS A 294 -9.05 -1.41 -4.26
CA LYS A 294 -7.95 -2.25 -3.71
C LYS A 294 -7.03 -2.86 -4.76
N ARG A 295 -7.48 -2.78 -6.00
CA ARG A 295 -6.94 -3.50 -7.16
C ARG A 295 -6.32 -2.53 -8.17
N HIS A 296 -6.45 -1.24 -7.88
CA HIS A 296 -5.84 -0.19 -8.68
C HIS A 296 -4.90 0.62 -7.77
N LEU A 297 -4.09 1.43 -8.43
CA LEU A 297 -3.26 2.43 -7.77
C LEU A 297 -4.14 3.54 -7.16
N PRO A 298 -3.60 4.33 -6.20
CA PRO A 298 -4.35 5.47 -5.70
C PRO A 298 -4.94 6.36 -6.81
N ILE A 299 -6.17 6.80 -6.61
CA ILE A 299 -6.90 7.51 -7.62
C ILE A 299 -6.33 8.91 -7.86
N THR A 300 -5.95 9.15 -9.11
CA THR A 300 -5.52 10.46 -9.58
C THR A 300 -6.66 11.07 -10.40
N ILE A 301 -6.51 12.33 -10.78
CA ILE A 301 -7.51 13.03 -11.58
C ILE A 301 -7.67 12.42 -12.96
N PHE A 302 -6.69 11.64 -13.43
CA PHE A 302 -6.78 10.97 -14.78
C PHE A 302 -7.49 9.61 -14.72
N ALA A 303 -7.75 9.08 -13.53
CA ALA A 303 -8.36 7.74 -13.43
C ALA A 303 -9.83 7.76 -13.85
N ASP A 304 -10.26 6.58 -14.31
CA ASP A 304 -11.59 6.28 -14.88
C ASP A 304 -12.37 5.20 -14.15
N PHE A 305 -11.66 4.16 -13.68
CA PHE A 305 -12.27 2.90 -13.25
C PHE A 305 -13.39 3.10 -12.21
N TRP A 306 -13.27 4.13 -11.37
CA TRP A 306 -14.27 4.44 -10.34
C TRP A 306 -15.51 5.20 -10.84
N LYS A 307 -15.47 5.74 -12.06
CA LYS A 307 -16.57 6.61 -12.53
C LYS A 307 -17.79 5.80 -12.93
N MET B 34 10.79 8.84 -28.95
CA MET B 34 10.39 9.40 -27.61
C MET B 34 11.49 9.30 -26.53
N THR B 35 11.97 10.43 -25.99
CA THR B 35 12.97 10.40 -24.89
C THR B 35 12.36 9.76 -23.60
N LEU B 36 13.20 9.40 -22.65
CA LEU B 36 12.71 9.00 -21.36
C LEU B 36 11.94 10.15 -20.68
N GLN B 37 12.41 11.37 -20.87
CA GLN B 37 11.84 12.55 -20.23
C GLN B 37 10.38 12.74 -20.67
N GLU B 38 10.15 12.75 -21.97
CA GLU B 38 8.83 12.79 -22.57
C GLU B 38 7.92 11.70 -22.01
N GLU B 39 8.41 10.47 -21.93
CA GLU B 39 7.61 9.33 -21.44
C GLU B 39 7.28 9.52 -19.94
N ILE B 40 8.25 9.95 -19.14
CA ILE B 40 7.98 10.33 -17.74
C ILE B 40 6.94 11.46 -17.62
N ILE B 41 7.08 12.49 -18.48
CA ILE B 41 6.11 13.60 -18.50
C ILE B 41 4.68 13.12 -18.81
N ARG B 42 4.54 12.22 -19.80
CA ARG B 42 3.26 11.60 -20.15
C ARG B 42 2.63 10.79 -18.99
N GLN B 43 3.44 9.96 -18.34
CA GLN B 43 2.95 9.14 -17.23
C GLN B 43 2.48 10.02 -16.08
N LEU B 44 3.23 11.06 -15.77
CA LEU B 44 2.93 11.86 -14.58
C LEU B 44 1.97 12.99 -14.85
N GLY B 45 1.63 13.22 -16.12
CA GLY B 45 0.62 14.19 -16.50
C GLY B 45 0.96 15.66 -16.29
N VAL B 46 2.25 16.02 -16.30
CA VAL B 46 2.67 17.40 -16.00
C VAL B 46 2.61 18.34 -17.20
N LYS B 47 1.98 19.48 -16.99
CA LYS B 47 1.93 20.54 -17.99
C LYS B 47 3.12 21.47 -17.79
N ALA B 48 3.68 21.97 -18.90
CA ALA B 48 4.82 22.91 -18.88
C ALA B 48 4.48 24.20 -18.13
N SER B 49 3.22 24.59 -18.18
CA SER B 49 2.71 25.64 -17.32
C SER B 49 1.19 25.47 -17.08
N ILE B 50 0.73 26.08 -16.00
CA ILE B 50 -0.62 25.89 -15.52
C ILE B 50 -1.26 27.24 -15.29
N ASP B 51 -2.58 27.24 -15.36
CA ASP B 51 -3.40 28.26 -14.77
C ASP B 51 -3.71 27.79 -13.32
N PRO B 52 -3.12 28.44 -12.29
CA PRO B 52 -3.37 27.99 -10.91
C PRO B 52 -4.83 27.89 -10.49
N GLN B 53 -5.57 28.94 -10.77
CA GLN B 53 -6.98 29.01 -10.42
C GLN B 53 -7.83 27.91 -11.03
N GLU B 54 -7.56 27.62 -12.29
CA GLU B 54 -8.16 26.50 -12.97
C GLU B 54 -7.79 25.18 -12.30
N GLU B 55 -6.53 25.03 -11.94
CA GLU B 55 -6.05 23.79 -11.34
C GLU B 55 -6.65 23.59 -9.95
N ILE B 56 -6.79 24.69 -9.21
CA ILE B 56 -7.55 24.68 -7.97
C ILE B 56 -8.95 24.12 -8.25
N ARG B 57 -9.69 24.75 -9.18
CA ARG B 57 -11.05 24.34 -9.48
C ARG B 57 -11.10 22.86 -9.89
N LYS B 58 -10.16 22.43 -10.72
CA LYS B 58 -10.13 21.03 -11.22
C LYS B 58 -10.03 20.04 -10.07
N THR B 59 -9.20 20.38 -9.10
CA THR B 59 -8.94 19.52 -7.96
C THR B 59 -10.13 19.44 -7.01
N VAL B 60 -10.70 20.61 -6.70
CA VAL B 60 -11.87 20.68 -5.85
C VAL B 60 -13.03 19.86 -6.47
N ASP B 61 -13.29 20.08 -7.75
CA ASP B 61 -14.34 19.33 -8.45
C ASP B 61 -14.08 17.82 -8.52
N PHE B 62 -12.84 17.45 -8.76
CA PHE B 62 -12.42 16.06 -8.67
C PHE B 62 -12.79 15.51 -7.27
N LEU B 63 -12.39 16.20 -6.21
CA LEU B 63 -12.64 15.73 -4.86
C LEU B 63 -14.12 15.65 -4.51
N LYS B 64 -14.90 16.59 -5.02
CA LYS B 64 -16.33 16.55 -4.84
C LYS B 64 -16.96 15.40 -5.63
N ALA B 65 -16.58 15.26 -6.90
CA ALA B 65 -17.12 14.20 -7.75
C ALA B 65 -16.89 12.81 -7.13
N TYR B 66 -15.69 12.61 -6.60
CA TYR B 66 -15.34 11.33 -5.97
C TYR B 66 -16.29 11.00 -4.79
N LEU B 67 -16.58 11.99 -3.97
CA LEU B 67 -17.52 11.84 -2.86
C LEU B 67 -18.94 11.59 -3.32
N ARG B 68 -19.40 12.37 -4.27
CA ARG B 68 -20.76 12.22 -4.82
C ARG B 68 -20.98 10.81 -5.37
N LYS B 69 -19.95 10.23 -5.94
CA LYS B 69 -20.06 8.90 -6.50
C LYS B 69 -20.07 7.84 -5.38
N HIS B 70 -19.39 8.07 -4.27
CA HIS B 70 -19.35 7.12 -3.18
C HIS B 70 -20.20 7.61 -2.01
N SER B 71 -21.47 7.28 -2.07
CA SER B 71 -22.50 7.85 -1.21
C SER B 71 -22.41 7.43 0.27
N PHE B 72 -21.72 6.35 0.59
CA PHE B 72 -21.40 6.06 1.98
C PHE B 72 -20.24 6.86 2.59
N LEU B 73 -19.44 7.54 1.77
CA LEU B 73 -18.34 8.38 2.30
C LEU B 73 -18.78 9.77 2.64
N LYS B 74 -18.36 10.23 3.82
CA LYS B 74 -18.66 11.57 4.28
C LYS B 74 -17.47 12.40 4.61
N THR B 75 -16.31 11.78 4.83
CA THR B 75 -15.17 12.54 5.25
C THR B 75 -13.93 12.31 4.34
N TYR B 76 -13.11 13.35 4.25
CA TYR B 76 -11.72 13.22 3.86
C TYR B 76 -10.82 13.35 5.11
N VAL B 77 -9.76 12.55 5.14
CA VAL B 77 -8.83 12.50 6.26
C VAL B 77 -7.43 12.74 5.75
N LEU B 78 -6.69 13.63 6.41
CA LEU B 78 -5.32 14.01 5.95
C LEU B 78 -4.40 14.42 7.10
N GLY B 79 -3.27 13.73 7.17
CA GLY B 79 -2.18 14.14 8.02
C GLY B 79 -1.63 15.52 7.61
N ILE B 80 -1.53 16.41 8.60
CA ILE B 80 -1.08 17.78 8.36
C ILE B 80 0.29 17.99 9.04
N SER B 81 1.34 18.12 8.22
CA SER B 81 2.74 18.14 8.65
C SER B 81 3.33 19.57 8.79
N GLY B 82 2.65 20.57 8.22
CA GLY B 82 3.22 21.94 8.11
C GLY B 82 4.00 22.17 6.82
N GLY B 83 4.19 21.12 6.04
CA GLY B 83 4.83 21.21 4.74
C GLY B 83 3.82 21.56 3.67
N GLN B 84 4.36 21.93 2.54
CA GLN B 84 3.64 22.54 1.42
C GLN B 84 2.60 21.59 0.87
N ASP B 85 2.98 20.32 0.76
CA ASP B 85 2.14 19.35 0.09
C ASP B 85 0.83 19.11 0.86
N SER B 86 0.96 18.73 2.14
CA SER B 86 -0.19 18.48 3.02
C SER B 86 -0.99 19.77 3.25
N THR B 87 -0.32 20.91 3.31
CA THR B 87 -1.05 22.22 3.46
C THR B 87 -1.99 22.46 2.28
N LEU B 88 -1.45 22.35 1.07
CA LEU B 88 -2.24 22.50 -0.16
C LEU B 88 -3.36 21.46 -0.35
N ALA B 89 -2.99 20.19 -0.33
CA ALA B 89 -3.97 19.10 -0.37
C ALA B 89 -5.07 19.29 0.68
N GLY B 90 -4.66 19.65 1.88
CA GLY B 90 -5.62 19.82 3.00
C GLY B 90 -6.62 20.92 2.74
N LYS B 91 -6.09 22.03 2.24
CA LYS B 91 -6.90 23.17 1.83
C LYS B 91 -7.86 22.86 0.70
N LEU B 92 -7.35 22.17 -0.32
CA LEU B 92 -8.19 21.78 -1.41
C LEU B 92 -9.30 20.84 -0.92
N ALA B 93 -8.95 19.91 -0.05
CA ALA B 93 -9.96 19.01 0.49
C ALA B 93 -11.03 19.71 1.36
N GLN B 94 -10.60 20.62 2.23
CA GLN B 94 -11.53 21.39 3.05
C GLN B 94 -12.51 22.22 2.21
N MET B 95 -12.00 22.79 1.12
CA MET B 95 -12.85 23.50 0.19
C MET B 95 -13.88 22.58 -0.49
N ALA B 96 -13.44 21.36 -0.85
CA ALA B 96 -14.34 20.41 -1.49
C ALA B 96 -15.48 20.04 -0.55
N ILE B 97 -15.12 19.71 0.69
CA ILE B 97 -16.11 19.43 1.72
C ILE B 97 -17.08 20.61 1.94
N ALA B 98 -16.53 21.82 2.08
CA ALA B 98 -17.34 22.96 2.45
C ALA B 98 -18.36 23.21 1.35
N GLU B 99 -17.88 23.21 0.12
CA GLU B 99 -18.78 23.41 -1.02
C GLU B 99 -19.84 22.31 -1.10
N LEU B 100 -19.39 21.07 -0.96
CA LEU B 100 -20.30 19.94 -1.06
C LEU B 100 -21.38 19.98 0.05
N ARG B 101 -20.98 20.43 1.23
CA ARG B 101 -21.87 20.62 2.35
C ARG B 101 -22.88 21.76 2.08
N GLU B 102 -22.43 22.86 1.52
CA GLU B 102 -23.34 23.92 1.06
C GLU B 102 -24.29 23.41 -0.03
N GLU B 103 -23.77 22.62 -0.96
CA GLU B 103 -24.59 22.10 -2.06
C GLU B 103 -25.67 21.14 -1.62
N THR B 104 -25.33 20.26 -0.68
CA THR B 104 -26.21 19.18 -0.31
C THR B 104 -27.03 19.47 0.94
N SER B 105 -26.64 20.50 1.68
CA SER B 105 -27.12 20.73 3.05
C SER B 105 -26.87 19.52 3.96
N ASP B 106 -25.90 18.67 3.63
CA ASP B 106 -25.61 17.48 4.43
C ASP B 106 -24.41 17.79 5.35
N GLN B 107 -24.70 17.93 6.63
CA GLN B 107 -23.71 18.33 7.63
C GLN B 107 -22.69 17.24 7.99
N ALA B 108 -22.99 15.99 7.66
CA ALA B 108 -22.07 14.90 7.95
C ALA B 108 -20.75 14.99 7.14
N TYR B 109 -20.76 15.69 6.00
CA TYR B 109 -19.54 16.03 5.29
C TYR B 109 -18.59 16.87 6.15
N GLN B 110 -17.37 16.35 6.35
CA GLN B 110 -16.33 16.99 7.18
C GLN B 110 -14.93 16.70 6.63
N PHE B 111 -14.04 17.67 6.81
CA PHE B 111 -12.61 17.45 6.63
C PHE B 111 -11.96 17.24 8.00
N ILE B 112 -11.22 16.14 8.14
CA ILE B 112 -10.55 15.76 9.42
C ILE B 112 -9.03 15.92 9.25
N ALA B 113 -8.47 17.01 9.78
CA ALA B 113 -7.02 17.19 9.82
C ALA B 113 -6.47 16.29 10.93
N VAL B 114 -5.33 15.68 10.68
CA VAL B 114 -4.71 14.86 11.71
C VAL B 114 -3.27 15.31 11.98
N ARG B 115 -2.96 15.51 13.24
CA ARG B 115 -1.59 15.74 13.65
C ARG B 115 -1.02 14.41 14.08
N LEU B 116 0.16 14.07 13.55
CA LEU B 116 0.78 12.79 13.80
C LEU B 116 2.25 12.89 14.28
N PRO B 117 2.46 13.61 15.39
CA PRO B 117 3.81 13.69 15.95
C PRO B 117 4.32 12.36 16.55
N TYR B 118 5.64 12.15 16.46
CA TYR B 118 6.31 11.09 17.16
C TYR B 118 6.87 11.77 18.39
N GLY B 119 6.26 11.54 19.54
CA GLY B 119 6.66 12.19 20.79
C GLY B 119 6.35 13.69 20.76
N VAL B 120 7.25 14.47 21.37
CA VAL B 120 7.08 15.92 21.44
C VAL B 120 7.73 16.55 20.19
N GLN B 121 6.90 16.99 19.24
CA GLN B 121 7.33 17.44 17.88
C GLN B 121 8.15 18.72 17.88
N ALA B 122 9.21 18.75 17.06
CA ALA B 122 10.28 19.77 17.10
C ALA B 122 9.77 21.23 17.13
N ASP B 123 9.13 21.66 16.04
CA ASP B 123 8.36 22.90 16.05
C ASP B 123 6.98 22.57 15.52
N GLU B 124 5.97 22.71 16.37
CA GLU B 124 4.58 22.65 15.93
C GLU B 124 4.12 23.94 15.21
N ALA B 125 5.04 24.85 14.91
CA ALA B 125 4.72 26.18 14.40
C ALA B 125 4.26 26.22 12.95
N ASP B 126 4.98 25.50 12.08
CA ASP B 126 4.56 25.34 10.67
C ASP B 126 3.21 24.63 10.58
N ALA B 127 3.02 23.64 11.45
CA ALA B 127 1.75 22.93 11.56
C ALA B 127 0.62 23.84 11.97
N GLN B 128 0.87 24.65 12.98
CA GLN B 128 -0.10 25.65 13.48
C GLN B 128 -0.56 26.63 12.37
N LYS B 129 0.40 27.16 11.63
CA LYS B 129 0.10 28.01 10.48
C LYS B 129 -0.72 27.30 9.41
N ALA B 130 -0.33 26.06 9.11
CA ALA B 130 -1.05 25.23 8.13
C ALA B 130 -2.52 25.02 8.53
N LEU B 131 -2.74 24.64 9.78
CA LEU B 131 -4.07 24.50 10.35
C LEU B 131 -4.87 25.79 10.36
N ALA B 132 -4.24 26.91 10.66
CA ALA B 132 -4.89 28.21 10.62
C ALA B 132 -5.37 28.54 9.21
N PHE B 133 -4.50 28.34 8.24
CA PHE B 133 -4.84 28.58 6.84
C PHE B 133 -5.98 27.70 6.36
N ILE B 134 -5.91 26.42 6.71
CA ILE B 134 -6.92 25.45 6.27
C ILE B 134 -8.27 25.68 6.97
N ALA B 135 -8.23 26.04 8.25
CA ALA B 135 -9.44 26.14 9.09
C ALA B 135 -10.26 24.84 9.03
N PRO B 136 -9.66 23.73 9.48
CA PRO B 136 -10.28 22.41 9.25
C PRO B 136 -11.50 22.18 10.14
N ASP B 137 -12.49 21.45 9.64
CA ASP B 137 -13.70 21.18 10.42
C ASP B 137 -13.37 20.54 11.76
N GLN B 138 -12.41 19.62 11.73
CA GLN B 138 -12.01 18.85 12.89
C GLN B 138 -10.52 18.65 12.80
N THR B 139 -9.88 18.60 13.96
CA THR B 139 -8.46 18.31 14.07
C THR B 139 -8.29 17.25 15.15
N LEU B 140 -7.58 16.18 14.83
CA LEU B 140 -7.30 15.10 15.77
C LEU B 140 -5.81 14.99 15.93
N THR B 141 -5.34 14.76 17.15
CA THR B 141 -3.92 14.53 17.42
C THR B 141 -3.76 13.10 17.85
N ILE B 142 -3.05 12.34 17.03
CA ILE B 142 -2.69 10.97 17.33
C ILE B 142 -1.18 10.87 17.41
N ASN B 143 -0.67 10.70 18.62
CA ASN B 143 0.74 10.49 18.84
C ASN B 143 1.17 9.05 18.53
N ILE B 144 2.06 8.92 17.56
CA ILE B 144 2.42 7.60 17.03
C ILE B 144 3.54 6.93 17.80
N LYS B 145 4.03 7.57 18.86
CA LYS B 145 5.23 7.11 19.51
C LYS B 145 5.10 5.77 20.24
N ALA B 146 3.99 5.55 20.95
CA ALA B 146 3.80 4.25 21.61
C ALA B 146 3.78 3.11 20.59
N ALA B 147 3.10 3.35 19.46
CA ALA B 147 2.98 2.34 18.42
C ALA B 147 4.32 2.03 17.74
N VAL B 148 5.06 3.08 17.35
CA VAL B 148 6.34 2.96 16.70
C VAL B 148 7.37 2.29 17.60
N ASP B 149 7.40 2.76 18.85
CA ASP B 149 8.30 2.21 19.85
C ASP B 149 8.01 0.73 20.15
N GLY B 150 6.73 0.36 20.25
CA GLY B 150 6.34 -1.03 20.43
C GLY B 150 6.76 -1.89 19.28
N GLN B 151 6.66 -1.33 18.08
CA GLN B 151 7.07 -2.04 16.86
C GLN B 151 8.59 -2.29 16.89
N VAL B 152 9.37 -1.23 17.18
CA VAL B 152 10.84 -1.32 17.20
C VAL B 152 11.33 -2.26 18.27
N GLU B 153 10.72 -2.17 19.44
CA GLU B 153 11.04 -3.08 20.57
C GLU B 153 10.79 -4.55 20.18
N ALA B 154 9.70 -4.80 19.45
CA ALA B 154 9.33 -6.15 19.07
C ALA B 154 10.31 -6.73 18.03
N LEU B 155 10.73 -5.87 17.11
CA LEU B 155 11.82 -6.15 16.16
C LEU B 155 13.15 -6.44 16.87
N GLN B 156 13.58 -5.50 17.71
CA GLN B 156 14.83 -5.63 18.47
C GLN B 156 14.88 -6.88 19.38
N ALA B 157 13.80 -7.14 20.09
CA ALA B 157 13.68 -8.35 20.91
C ALA B 157 13.86 -9.63 20.09
N ALA B 158 13.44 -9.65 18.81
CA ALA B 158 13.74 -10.78 17.90
C ALA B 158 15.17 -10.77 17.28
N GLY B 159 16.01 -9.84 17.71
CA GLY B 159 17.36 -9.69 17.16
C GLY B 159 17.53 -8.93 15.86
N VAL B 160 16.57 -8.09 15.51
CA VAL B 160 16.62 -7.33 14.27
C VAL B 160 16.96 -5.92 14.65
N GLU B 161 18.16 -5.49 14.30
CA GLU B 161 18.52 -4.09 14.54
C GLU B 161 17.87 -3.23 13.45
N ILE B 162 17.48 -2.03 13.83
CA ILE B 162 16.67 -1.12 13.04
C ILE B 162 17.41 0.20 12.93
N SER B 163 17.79 0.56 11.71
CA SER B 163 18.53 1.81 11.42
C SER B 163 17.55 2.97 11.48
N ASP B 164 18.10 4.17 11.48
CA ASP B 164 17.33 5.40 11.50
C ASP B 164 16.45 5.53 10.28
N PHE B 165 17.00 5.20 9.12
CA PHE B 165 16.24 5.23 7.88
C PHE B 165 15.00 4.29 8.04
N ASN B 166 15.25 3.06 8.46
CA ASN B 166 14.23 2.05 8.64
C ASN B 166 13.12 2.50 9.61
N LYS B 167 13.52 2.95 10.79
CA LYS B 167 12.62 3.61 11.73
C LYS B 167 11.77 4.69 11.09
N GLY B 168 12.41 5.50 10.26
CA GLY B 168 11.74 6.53 9.49
C GLY B 168 10.58 6.03 8.66
N ASN B 169 10.81 4.90 7.99
CA ASN B 169 9.75 4.22 7.22
C ASN B 169 8.67 3.63 8.07
N ILE B 170 9.06 3.14 9.25
CA ILE B 170 8.09 2.66 10.22
C ILE B 170 7.16 3.82 10.62
N LYS B 171 7.71 4.97 10.94
CA LYS B 171 6.90 6.12 11.28
C LYS B 171 5.93 6.49 10.16
N ALA B 172 6.42 6.57 8.92
CA ALA B 172 5.55 6.96 7.82
C ALA B 172 4.43 5.94 7.65
N ARG B 173 4.75 4.66 7.78
CA ARG B 173 3.73 3.61 7.72
C ARG B 173 2.77 3.61 8.91
N GLN B 174 3.24 4.01 10.09
CA GLN B 174 2.33 4.13 11.25
C GLN B 174 1.32 5.26 11.11
N ARG B 175 1.78 6.33 10.46
CA ARG B 175 0.90 7.43 10.05
C ARG B 175 -0.14 7.00 9.06
N MET B 176 0.23 6.10 8.15
CA MET B 176 -0.76 5.52 7.25
C MET B 176 -1.81 4.80 8.07
N ILE B 177 -1.36 3.91 8.97
CA ILE B 177 -2.29 3.15 9.83
C ILE B 177 -3.24 4.10 10.58
N SER B 178 -2.67 5.13 11.21
CA SER B 178 -3.46 6.06 12.04
C SER B 178 -4.55 6.72 11.21
N GLN B 179 -4.19 7.16 10.02
CA GLN B 179 -5.15 7.80 9.12
C GLN B 179 -6.25 6.86 8.61
N TYR B 180 -5.89 5.62 8.28
CA TYR B 180 -6.85 4.61 7.82
C TYR B 180 -7.80 4.18 8.91
N ALA B 181 -7.30 4.11 10.15
CA ALA B 181 -8.11 3.85 11.32
C ALA B 181 -9.18 4.94 11.56
N ILE B 182 -8.79 6.20 11.37
CA ILE B 182 -9.72 7.30 11.49
C ILE B 182 -10.76 7.23 10.39
N ALA B 183 -10.29 7.06 9.16
CA ALA B 183 -11.17 6.88 8.00
C ALA B 183 -12.14 5.70 8.14
N GLY B 184 -11.72 4.60 8.77
CA GLY B 184 -12.59 3.42 8.94
C GLY B 184 -13.71 3.69 9.92
N GLN B 185 -13.43 4.53 10.88
CA GLN B 185 -14.39 4.94 11.87
C GLN B 185 -15.28 6.09 11.41
N MET B 186 -14.76 7.00 10.59
CA MET B 186 -15.49 8.20 10.26
C MET B 186 -15.93 8.25 8.81
N ALA B 187 -16.12 7.08 8.21
CA ALA B 187 -16.61 6.94 6.84
C ALA B 187 -15.78 7.81 5.87
N GLY B 188 -14.47 7.61 5.92
CA GLY B 188 -13.54 8.49 5.22
C GLY B 188 -12.74 7.86 4.10
N ALA B 189 -12.27 8.73 3.20
CA ALA B 189 -11.22 8.38 2.25
C ALA B 189 -9.95 9.08 2.68
N VAL B 190 -8.84 8.39 2.62
CA VAL B 190 -7.55 8.98 2.97
C VAL B 190 -6.95 9.75 1.77
N ILE B 191 -6.70 11.04 1.96
CA ILE B 191 -5.97 11.85 0.97
C ILE B 191 -4.45 11.62 1.06
N GLY B 192 -3.85 11.39 -0.10
CA GLY B 192 -2.40 11.31 -0.25
C GLY B 192 -1.87 12.61 -0.84
N THR B 193 -0.63 12.92 -0.52
CA THR B 193 -0.02 14.17 -0.92
C THR B 193 0.93 13.99 -2.09
N ASP B 194 1.02 12.77 -2.62
CA ASP B 194 1.89 12.53 -3.73
C ASP B 194 1.63 13.51 -4.88
N HIS B 195 2.73 13.95 -5.47
CA HIS B 195 2.72 14.86 -6.63
C HIS B 195 3.94 14.51 -7.48
N ALA B 196 4.03 15.15 -8.64
CA ALA B 196 4.98 14.72 -9.68
C ALA B 196 6.45 14.79 -9.31
N ALA B 197 6.81 15.83 -8.60
CA ALA B 197 8.19 15.98 -8.12
C ALA B 197 8.64 14.94 -7.11
N GLU B 198 7.72 14.41 -6.32
CA GLU B 198 8.04 13.25 -5.47
C GLU B 198 7.97 11.94 -6.24
N ASN B 199 6.97 11.86 -7.12
CA ASN B 199 6.72 10.63 -7.80
C ASN B 199 7.86 10.23 -8.71
N ILE B 200 8.36 11.18 -9.48
CA ILE B 200 9.50 10.93 -10.38
C ILE B 200 10.75 10.43 -9.61
N THR B 201 10.95 10.95 -8.40
CA THR B 201 12.07 10.57 -7.58
C THR B 201 11.81 9.36 -6.68
N GLY B 202 10.60 8.84 -6.70
CA GLY B 202 10.19 7.85 -5.70
C GLY B 202 10.43 8.32 -4.27
N PHE B 203 10.28 9.63 -4.01
CA PHE B 203 10.58 10.21 -2.69
C PHE B 203 9.36 10.12 -1.77
N PHE B 204 9.03 8.88 -1.40
CA PHE B 204 7.99 8.60 -0.43
C PHE B 204 8.16 7.17 0.04
N THR B 205 7.55 6.89 1.19
CA THR B 205 7.60 5.53 1.71
C THR B 205 6.44 4.76 1.09
N LYS B 206 6.77 3.58 0.55
CA LYS B 206 5.80 2.66 -0.06
C LYS B 206 4.92 2.08 1.02
N PHE B 207 3.60 2.21 0.79
CA PHE B 207 2.60 1.87 1.77
C PHE B 207 2.70 2.74 3.02
N GLY B 208 3.42 3.84 2.94
CA GLY B 208 3.45 4.82 4.02
C GLY B 208 2.67 6.07 3.58
N ASP B 209 3.36 7.18 3.40
CA ASP B 209 2.71 8.38 2.84
C ASP B 209 2.24 8.10 1.42
N GLY B 210 2.93 7.17 0.76
CA GLY B 210 2.43 6.61 -0.52
C GLY B 210 1.09 5.89 -0.43
N GLY B 211 0.72 5.48 0.79
CA GLY B 211 -0.49 4.76 1.05
C GLY B 211 -1.69 5.64 1.30
N ALA B 212 -2.58 5.71 0.32
CA ALA B 212 -3.70 6.67 0.32
C ALA B 212 -4.75 6.25 -0.74
N ASP B 213 -5.93 6.85 -0.66
CA ASP B 213 -7.02 6.54 -1.59
C ASP B 213 -7.05 7.43 -2.83
N ILE B 214 -6.68 8.69 -2.65
CA ILE B 214 -6.89 9.68 -3.66
C ILE B 214 -5.84 10.76 -3.56
N LEU B 215 -5.32 11.14 -4.75
CA LEU B 215 -4.15 12.00 -4.89
C LEU B 215 -4.49 13.30 -5.57
N PRO B 216 -5.03 14.27 -4.82
CA PRO B 216 -5.43 15.56 -5.45
C PRO B 216 -4.36 16.34 -6.18
N LEU B 217 -3.10 16.18 -5.76
CA LEU B 217 -1.97 16.96 -6.31
C LEU B 217 -1.20 16.25 -7.43
N PHE B 218 -1.53 14.99 -7.71
CA PHE B 218 -0.88 14.27 -8.81
C PHE B 218 -1.09 15.01 -10.13
N ARG B 219 0.03 15.28 -10.80
CA ARG B 219 0.19 16.04 -12.07
C ARG B 219 0.98 17.36 -11.89
N LEU B 220 0.96 17.89 -10.67
CA LEU B 220 1.66 19.12 -10.33
C LEU B 220 3.13 18.87 -9.94
N ASN B 221 4.01 19.73 -10.44
CA ASN B 221 5.36 19.73 -9.93
C ASN B 221 5.43 20.69 -8.71
N LYS B 222 6.59 20.81 -8.11
CA LYS B 222 6.73 21.49 -6.83
C LYS B 222 6.38 22.98 -6.91
N ARG B 223 6.94 23.68 -7.89
CA ARG B 223 6.69 25.11 -8.06
C ARG B 223 5.23 25.34 -8.39
N GLN B 224 4.61 24.39 -9.09
CA GLN B 224 3.17 24.48 -9.40
C GLN B 224 2.30 24.42 -8.14
N GLY B 225 2.70 23.54 -7.21
CA GLY B 225 2.16 23.57 -5.88
C GLY B 225 2.28 24.93 -5.21
N LYS B 226 3.48 25.50 -5.25
CA LYS B 226 3.67 26.89 -4.70
C LYS B 226 2.66 27.91 -5.29
N ALA B 227 2.46 27.84 -6.60
CA ALA B 227 1.60 28.77 -7.33
C ALA B 227 0.13 28.69 -6.86
N LEU B 228 -0.36 27.45 -6.70
CA LEU B 228 -1.69 27.25 -6.17
C LEU B 228 -1.82 27.88 -4.76
N LEU B 229 -0.84 27.63 -3.90
CA LEU B 229 -0.86 28.23 -2.56
C LEU B 229 -0.79 29.78 -2.56
N LYS B 230 -0.02 30.35 -3.49
CA LYS B 230 0.02 31.80 -3.68
C LYS B 230 -1.40 32.29 -3.97
N VAL B 231 -2.06 31.63 -4.92
CA VAL B 231 -3.39 32.05 -5.33
C VAL B 231 -4.45 31.92 -4.20
N LEU B 232 -4.30 30.91 -3.33
CA LEU B 232 -5.16 30.72 -2.17
C LEU B 232 -4.87 31.67 -0.98
N GLY B 233 -3.83 32.51 -1.11
CA GLY B 233 -3.48 33.48 -0.09
C GLY B 233 -2.67 32.91 1.06
N ALA B 234 -1.94 31.82 0.85
CA ALA B 234 -1.22 31.18 1.95
C ALA B 234 -0.11 32.07 2.42
N ASP B 235 0.05 32.15 3.74
CA ASP B 235 1.24 32.77 4.39
C ASP B 235 2.51 32.28 3.64
N ALA B 236 3.35 33.21 3.21
CA ALA B 236 4.58 32.86 2.44
C ALA B 236 5.51 31.84 3.16
N ALA B 237 5.43 31.80 4.49
CA ALA B 237 6.13 30.80 5.32
C ALA B 237 5.72 29.34 5.12
N LEU B 238 4.52 29.09 4.59
CA LEU B 238 4.06 27.73 4.31
C LEU B 238 4.70 27.05 3.07
N TYR B 239 5.42 27.82 2.25
CA TYR B 239 6.05 27.28 1.06
C TYR B 239 7.55 27.68 0.72
N GLU B 240 8.33 28.27 1.64
CA GLU B 240 9.75 28.64 1.36
C GLU B 240 10.75 27.67 2.01
N ALA B 255 17.33 19.74 3.11
CA ALA B 255 17.59 18.31 3.36
C ALA B 255 17.10 17.36 2.25
N ASP B 256 15.87 17.53 1.78
CA ASP B 256 15.30 16.76 0.65
C ASP B 256 16.20 16.71 -0.58
N GLU B 257 16.61 17.90 -1.01
CA GLU B 257 17.48 18.09 -2.17
C GLU B 257 18.87 17.52 -1.97
N VAL B 258 19.38 17.61 -0.74
CA VAL B 258 20.66 17.00 -0.40
C VAL B 258 20.53 15.48 -0.38
N ALA B 259 19.44 14.98 0.20
CA ALA B 259 19.12 13.56 0.16
C ALA B 259 19.03 13.04 -1.28
N LEU B 260 18.34 13.76 -2.13
CA LEU B 260 18.17 13.37 -3.55
C LEU B 260 19.39 13.54 -4.46
N GLY B 261 20.30 14.41 -4.08
CA GLY B 261 21.43 14.77 -4.94
C GLY B 261 21.02 15.63 -6.13
N VAL B 262 19.87 16.30 -6.02
CA VAL B 262 19.30 17.10 -7.12
C VAL B 262 18.27 18.09 -6.60
N THR B 263 18.21 19.28 -7.21
CA THR B 263 17.34 20.35 -6.73
C THR B 263 15.94 20.21 -7.28
N TYR B 264 14.98 20.77 -6.56
CA TYR B 264 13.60 20.89 -7.04
C TYR B 264 13.54 21.73 -8.31
N GLN B 265 14.41 22.74 -8.42
CA GLN B 265 14.54 23.57 -9.64
C GLN B 265 14.76 22.62 -10.85
N ASP B 266 15.74 21.74 -10.72
CA ASP B 266 16.05 20.76 -11.75
C ASP B 266 14.94 19.75 -11.98
N ILE B 267 14.36 19.22 -10.91
CA ILE B 267 13.27 18.26 -11.04
C ILE B 267 12.10 18.90 -11.78
N ASP B 268 11.71 20.09 -11.34
CA ASP B 268 10.60 20.81 -11.95
C ASP B 268 10.85 21.12 -13.42
N ASP B 269 12.03 21.64 -13.71
CA ASP B 269 12.38 21.97 -15.09
C ASP B 269 12.34 20.72 -15.98
N TYR B 270 12.82 19.60 -15.47
CA TYR B 270 12.76 18.35 -16.22
C TYR B 270 11.32 17.95 -16.46
N LEU B 271 10.48 18.09 -15.44
CA LEU B 271 9.05 17.80 -15.58
C LEU B 271 8.33 18.74 -16.55
N GLU B 272 8.85 19.96 -16.75
CA GLU B 272 8.31 20.92 -17.73
C GLU B 272 8.89 20.75 -19.15
N GLY B 273 9.62 19.66 -19.35
CA GLY B 273 10.24 19.38 -20.64
C GLY B 273 11.44 20.26 -20.96
N LYS B 274 12.06 20.87 -19.97
CA LYS B 274 13.23 21.69 -20.23
C LYS B 274 14.53 20.87 -20.14
N LEU B 275 15.60 21.39 -20.74
CA LEU B 275 16.90 20.74 -20.65
C LEU B 275 17.59 21.13 -19.34
N ILE B 276 18.12 20.15 -18.63
CA ILE B 276 18.90 20.40 -17.43
C ILE B 276 20.31 19.81 -17.61
N SER B 277 21.18 19.97 -16.61
CA SER B 277 22.53 19.40 -16.69
C SER B 277 22.48 17.87 -16.80
N LYS B 278 23.54 17.30 -17.32
CA LYS B 278 23.66 15.88 -17.44
C LYS B 278 23.69 15.16 -16.12
N VAL B 279 24.39 15.74 -15.15
CA VAL B 279 24.46 15.13 -13.83
C VAL B 279 23.07 15.08 -13.16
N ALA B 280 22.31 16.17 -13.25
CA ALA B 280 20.97 16.22 -12.72
C ALA B 280 20.05 15.26 -13.48
N GLN B 281 20.25 15.13 -14.79
CA GLN B 281 19.42 14.24 -15.55
C GLN B 281 19.69 12.82 -15.15
N ALA B 282 20.96 12.44 -15.08
CA ALA B 282 21.28 11.08 -14.67
C ALA B 282 20.77 10.81 -13.27
N THR B 283 20.83 11.77 -12.38
CA THR B 283 20.34 11.57 -11.00
C THR B 283 18.85 11.30 -10.98
N ILE B 284 18.11 12.15 -11.69
CA ILE B 284 16.65 12.01 -11.80
C ILE B 284 16.28 10.61 -12.39
N GLU B 285 17.00 10.24 -13.45
CA GLU B 285 16.72 8.99 -14.14
C GLU B 285 17.08 7.80 -13.29
N LYS B 286 18.12 7.93 -12.47
CA LYS B 286 18.40 6.90 -11.45
C LYS B 286 17.20 6.69 -10.53
N TRP B 287 16.72 7.78 -9.94
CA TRP B 287 15.59 7.69 -9.06
C TRP B 287 14.35 7.16 -9.76
N TRP B 288 14.16 7.54 -11.01
CA TRP B 288 13.00 7.07 -11.75
C TRP B 288 13.02 5.54 -11.81
N HIS B 289 14.09 4.98 -12.34
CA HIS B 289 14.20 3.54 -12.47
C HIS B 289 14.11 2.88 -11.13
N LYS B 290 14.80 3.40 -10.14
CA LYS B 290 14.76 2.81 -8.78
C LYS B 290 13.35 2.74 -8.17
N GLY B 291 12.52 3.73 -8.47
CA GLY B 291 11.21 3.87 -7.85
C GLY B 291 10.03 3.29 -8.62
N GLN B 292 10.33 2.49 -9.62
CA GLN B 292 9.27 1.91 -10.47
C GLN B 292 8.31 1.00 -9.68
N HIS B 293 8.88 0.23 -8.76
CA HIS B 293 8.13 -0.65 -7.89
C HIS B 293 7.18 0.12 -6.95
N LYS B 294 7.50 1.37 -6.62
CA LYS B 294 6.61 2.23 -5.82
C LYS B 294 5.45 2.82 -6.60
N ARG B 295 5.53 2.71 -7.93
CA ARG B 295 4.70 3.38 -8.92
C ARG B 295 3.84 2.35 -9.74
N HIS B 296 4.02 1.06 -9.42
CA HIS B 296 3.25 -0.04 -9.98
C HIS B 296 2.63 -0.83 -8.85
N LEU B 297 1.70 -1.67 -9.25
CA LEU B 297 1.05 -2.62 -8.34
C LEU B 297 2.06 -3.69 -7.95
N PRO B 298 1.79 -4.43 -6.87
CA PRO B 298 2.66 -5.56 -6.55
C PRO B 298 2.90 -6.49 -7.73
N ILE B 299 4.14 -6.96 -7.86
CA ILE B 299 4.56 -7.72 -9.03
C ILE B 299 3.95 -9.11 -9.08
N THR B 300 3.22 -9.39 -10.16
CA THR B 300 2.65 -10.71 -10.45
C THR B 300 3.50 -11.33 -11.55
N ILE B 301 3.26 -12.60 -11.81
CA ILE B 301 4.04 -13.32 -12.80
C ILE B 301 3.84 -12.77 -14.20
N PHE B 302 2.75 -12.02 -14.43
CA PHE B 302 2.49 -11.38 -15.75
C PHE B 302 3.14 -10.00 -15.93
N ALA B 303 3.75 -9.45 -14.89
CA ALA B 303 4.35 -8.11 -15.00
C ALA B 303 5.63 -8.12 -15.82
N ASP B 304 5.90 -6.95 -16.41
CA ASP B 304 7.03 -6.68 -17.33
C ASP B 304 8.01 -5.61 -16.85
N PHE B 305 7.48 -4.54 -16.25
CA PHE B 305 8.23 -3.27 -16.04
C PHE B 305 9.59 -3.48 -15.37
N TRP B 306 9.69 -4.48 -14.50
CA TRP B 306 10.94 -4.76 -13.76
C TRP B 306 12.01 -5.53 -14.55
N LYS B 307 11.62 -6.14 -15.68
CA LYS B 307 12.52 -7.07 -16.40
C LYS B 307 13.62 -6.31 -17.14
S SO4 C . -3.40 -17.21 4.79
O1 SO4 C . -4.05 -16.14 4.02
O2 SO4 C . -3.68 -16.99 6.22
O3 SO4 C . -1.94 -17.16 4.61
O4 SO4 C . -3.91 -18.51 4.35
S SO4 D . -13.23 3.52 -0.09
O1 SO4 D . -12.92 4.95 -0.36
O2 SO4 D . -14.16 2.98 -1.12
O3 SO4 D . -13.85 3.40 1.25
O4 SO4 D . -11.93 2.82 -0.12
S SO4 E . -2.67 -6.27 -4.55
O1 SO4 E . -3.95 -6.41 -5.31
O2 SO4 E . -2.53 -4.90 -4.00
O3 SO4 E . -2.51 -7.26 -3.42
O4 SO4 E . -1.64 -6.51 -5.58
S SO4 F . -4.89 -12.06 15.49
O1 SO4 F . -5.36 -11.28 16.67
O2 SO4 F . -4.71 -11.19 14.30
O3 SO4 F . -5.91 -13.08 15.14
O4 SO4 F . -3.61 -12.74 15.83
S SO4 G . -12.75 -25.47 -2.95
O1 SO4 G . -13.78 -25.49 -1.87
O2 SO4 G . -13.12 -24.45 -3.96
O3 SO4 G . -11.42 -25.16 -2.36
O4 SO4 G . -12.73 -26.79 -3.63
S SO4 H . -6.95 -20.22 4.77
O1 SO4 H . -8.28 -20.60 4.23
O2 SO4 H . -6.22 -19.44 3.74
O3 SO4 H . -7.15 -19.37 5.96
O4 SO4 H . -6.18 -21.44 5.13
S SO4 I . -7.02 -27.91 -11.13
O1 SO4 I . -8.47 -27.59 -11.18
O2 SO4 I . -6.37 -27.00 -12.06
O3 SO4 I . -6.63 -29.29 -11.53
O4 SO4 I . -6.60 -27.67 -9.73
MG MG J . -5.45 -15.79 2.54
S SO4 K . 1.59 6.46 -5.52
O1 SO4 K . 0.79 7.07 -6.61
O2 SO4 K . 1.57 7.30 -4.29
O3 SO4 K . 2.95 6.26 -6.06
O4 SO4 K . 1.04 5.13 -5.16
S SO4 L . 4.63 17.68 3.16
O1 SO4 L . 3.18 17.63 3.40
O2 SO4 L . 4.93 18.95 2.44
O3 SO4 L . 5.35 17.57 4.45
O4 SO4 L . 5.07 16.57 2.28
S SO4 M . 8.06 20.42 1.88
O1 SO4 M . 7.46 21.77 2.11
O2 SO4 M . 7.10 19.58 1.10
O3 SO4 M . 8.36 19.80 3.19
O4 SO4 M . 9.33 20.52 1.14
S SO4 N . 11.22 25.29 -7.11
O1 SO4 N . 11.06 25.17 -8.57
O2 SO4 N . 10.84 26.64 -6.64
O3 SO4 N . 12.63 25.02 -6.75
O4 SO4 N . 10.34 24.31 -6.43
S SO4 O . 24.92 16.05 -2.29
O1 SO4 O . 26.09 15.87 -3.18
O2 SO4 O . 24.29 17.36 -2.55
O3 SO4 O . 25.35 15.97 -0.87
O4 SO4 O . 23.93 14.98 -2.56
S SO4 P . 18.81 9.17 -21.52
O1 SO4 P . 19.21 10.13 -20.48
O2 SO4 P . 18.68 9.89 -22.81
O3 SO4 P . 17.50 8.57 -21.16
O4 SO4 P . 19.87 8.14 -21.62
MG MG Q . 5.96 16.01 0.67
#